data_5H62
#
_entry.id   5H62
#
_cell.length_a   49.590
_cell.length_b   143.630
_cell.length_c   52.730
_cell.angle_alpha   90.00
_cell.angle_beta   108.24
_cell.angle_gamma   90.00
#
_symmetry.space_group_name_H-M   'P 1 21 1'
#
loop_
_entity.id
_entity.type
_entity.pdbx_description
1 polymer Transferase
2 non-polymer 1,2-ETHANEDIOL
3 non-polymer 'MANGANESE (II) ION'
4 non-polymer "URIDINE-5'-DIPHOSPHATE"
5 water water
#
_entity_poly.entity_id   1
_entity_poly.type   'polypeptide(L)'
_entity_poly.pdbx_seq_one_letter_code
;MARFNAAFTRIKIMFSRIRGLISCQSNTQTIAPTLSPPSSGHVSFAGIDYPLLPLNHQTPLVFQWFERNPDRFGQNEIPI
INTQKNPYLNNIINAAIIEKERIIGIFVDGDFSKGQRKALGKLEQNYRNIKVIYNSDLNYSMYDKKLTTIYLENITKLEA
QSASERDEVLLNGVKKSLEDVLKNNPEETLISSHNKDKGHLWFDFYRNLFLLKGSDAFLEAGKPGCHHLQPGGGCIYLDA
DMLLTDKLGTLYLPDGIAIHVSRKDNHVSLENGIIAVNRSEHPALIKGLEIMHSKPYGDPYNDWLSKGLRHYFDGSHIQD
YDAFCDFIEFKHENIIMNTSSLTASSWR
;
_entity_poly.pdbx_strand_id   A,B
#
# COMPACT_ATOMS: atom_id res chain seq x y z
N SER A 40 5.40 13.36 -14.24
CA SER A 40 4.71 14.36 -13.37
C SER A 40 5.53 14.99 -12.23
N GLY A 41 5.16 16.22 -11.84
CA GLY A 41 5.90 17.03 -10.91
C GLY A 41 5.17 17.33 -9.61
N HIS A 42 3.96 16.76 -9.45
CA HIS A 42 3.18 16.98 -8.23
C HIS A 42 2.34 15.75 -8.02
N VAL A 43 1.90 15.60 -6.78
CA VAL A 43 0.91 14.58 -6.50
C VAL A 43 -0.04 15.21 -5.51
N SER A 44 -1.22 14.60 -5.40
CA SER A 44 -2.24 15.09 -4.50
C SER A 44 -2.50 13.98 -3.49
N PHE A 45 -2.57 14.31 -2.21
CA PHE A 45 -3.09 13.35 -1.25
C PHE A 45 -3.96 13.98 -0.18
N ALA A 46 -5.09 13.30 0.13
CA ALA A 46 -6.07 13.76 1.12
C ALA A 46 -6.40 15.21 0.86
N GLY A 47 -6.53 15.54 -0.42
CA GLY A 47 -6.93 16.87 -0.81
C GLY A 47 -5.93 17.99 -0.85
N ILE A 48 -4.64 17.71 -0.61
CA ILE A 48 -3.60 18.69 -0.73
C ILE A 48 -2.61 18.28 -1.79
N ASP A 49 -1.95 19.26 -2.36
CA ASP A 49 -1.03 19.04 -3.40
C ASP A 49 0.35 19.07 -2.83
N TYR A 50 1.15 18.10 -3.23
CA TYR A 50 2.53 18.07 -2.80
C TYR A 50 3.45 17.99 -4.00
N PRO A 51 4.45 18.84 -4.05
CA PRO A 51 5.42 18.76 -5.11
C PRO A 51 6.35 17.57 -4.91
N LEU A 52 6.82 16.99 -6.00
CA LEU A 52 7.77 15.93 -5.92
C LEU A 52 9.13 16.56 -5.90
N LEU A 53 9.75 16.59 -4.73
CA LEU A 53 10.96 17.31 -4.49
C LEU A 53 12.16 16.42 -4.75
N PRO A 54 13.25 16.99 -5.30
CA PRO A 54 14.37 16.17 -5.68
C PRO A 54 15.33 15.86 -4.55
N LEU A 55 15.85 14.63 -4.60
CA LEU A 55 16.99 14.24 -3.79
C LEU A 55 18.05 14.01 -4.79
N ASN A 56 18.98 14.96 -4.88
CA ASN A 56 19.95 14.80 -5.93
C ASN A 56 20.98 13.76 -5.61
N HIS A 57 21.80 13.52 -6.61
CA HIS A 57 22.62 12.37 -6.64
C HIS A 57 23.75 12.51 -5.66
N GLN A 58 23.87 13.65 -5.05
CA GLN A 58 24.67 13.92 -3.90
C GLN A 58 24.22 13.29 -2.59
N THR A 59 22.92 13.22 -2.41
CA THR A 59 22.27 12.90 -1.12
C THR A 59 22.82 11.57 -0.70
N PRO A 60 23.32 11.49 0.52
CA PRO A 60 24.03 10.29 0.87
C PRO A 60 23.11 9.09 1.06
N LEU A 61 23.62 7.91 0.82
CA LEU A 61 22.92 6.65 1.23
C LEU A 61 23.44 6.40 2.66
N VAL A 62 22.60 5.80 3.48
CA VAL A 62 22.99 5.47 4.87
C VAL A 62 22.52 4.12 5.18
N PHE A 63 23.42 3.26 5.55
CA PHE A 63 23.13 1.96 6.10
C PHE A 63 23.37 2.00 7.63
N GLN A 64 22.84 1.00 8.34
CA GLN A 64 22.96 0.95 9.78
C GLN A 64 23.42 -0.42 10.25
N TRP A 65 24.42 -0.50 11.12
CA TRP A 65 24.68 -1.78 11.77
C TRP A 65 24.93 -1.55 13.27
N PHE A 66 23.94 -1.95 14.06
CA PHE A 66 24.02 -1.87 15.51
C PHE A 66 24.28 -3.27 15.96
N GLU A 67 25.41 -3.49 16.61
CA GLU A 67 25.86 -4.84 16.92
C GLU A 67 25.85 -5.08 18.42
N ARG A 68 24.92 -5.95 18.82
CA ARG A 68 24.81 -6.28 20.26
C ARG A 68 25.99 -7.08 20.80
N ASN A 69 26.62 -7.90 19.98
CA ASN A 69 27.62 -8.86 20.48
C ASN A 69 28.84 -8.78 19.58
N PRO A 70 29.58 -7.64 19.59
CA PRO A 70 30.72 -7.48 18.70
C PRO A 70 31.83 -8.51 18.99
N ASP A 71 31.82 -9.13 20.17
CA ASP A 71 32.80 -10.17 20.49
C ASP A 71 32.61 -11.43 19.65
N ARG A 72 31.52 -11.53 18.88
CA ARG A 72 31.41 -12.65 17.93
C ARG A 72 32.25 -12.49 16.66
N PHE A 73 32.81 -11.29 16.43
CA PHE A 73 33.73 -11.08 15.34
C PHE A 73 35.14 -11.16 15.88
N GLY A 74 36.10 -11.43 14.99
CA GLY A 74 37.50 -11.40 15.31
C GLY A 74 37.93 -10.01 15.65
N GLN A 75 39.03 -9.86 16.40
CA GLN A 75 39.24 -8.43 16.80
C GLN A 75 39.92 -7.61 15.71
N ASN A 76 40.33 -8.15 14.57
CA ASN A 76 40.67 -7.28 13.41
C ASN A 76 39.69 -7.41 12.32
N GLU A 77 38.46 -7.81 12.66
CA GLU A 77 37.44 -8.07 11.66
C GLU A 77 36.46 -6.88 11.71
N ILE A 78 35.98 -6.52 10.55
CA ILE A 78 34.92 -5.51 10.53
C ILE A 78 33.72 -6.17 11.19
N PRO A 79 33.15 -5.49 12.21
CA PRO A 79 32.11 -6.04 12.99
C PRO A 79 30.70 -5.78 12.45
N ILE A 80 30.55 -6.14 11.18
CA ILE A 80 29.25 -6.01 10.49
C ILE A 80 28.97 -7.41 9.93
N ILE A 81 27.75 -7.90 10.10
CA ILE A 81 27.44 -9.26 9.63
C ILE A 81 27.77 -9.42 8.15
N ASN A 82 28.36 -10.55 7.79
CA ASN A 82 28.74 -10.81 6.41
C ASN A 82 28.74 -12.33 6.14
N THR A 83 27.65 -12.99 6.42
CA THR A 83 27.55 -14.41 6.25
C THR A 83 26.90 -14.69 4.88
N GLN A 84 26.82 -15.97 4.55
CA GLN A 84 26.18 -16.35 3.31
C GLN A 84 24.75 -15.89 3.23
N LYS A 85 23.99 -16.09 4.29
CA LYS A 85 22.60 -15.70 4.31
C LYS A 85 22.44 -14.19 4.55
N ASN A 86 23.37 -13.56 5.25
CA ASN A 86 23.29 -12.12 5.49
C ASN A 86 24.60 -11.43 5.17
N PRO A 87 24.87 -11.29 3.89
CA PRO A 87 26.13 -10.76 3.41
C PRO A 87 26.11 -9.24 3.43
N TYR A 88 25.80 -8.66 4.59
CA TYR A 88 25.51 -7.27 4.63
C TYR A 88 26.66 -6.30 4.41
N LEU A 89 27.84 -6.61 4.92
CA LEU A 89 29.00 -5.79 4.62
C LEU A 89 29.29 -5.80 3.10
N ASN A 90 29.25 -6.94 2.49
CA ASN A 90 29.44 -7.02 1.01
C ASN A 90 28.41 -6.21 0.30
N ASN A 91 27.14 -6.31 0.74
CA ASN A 91 26.13 -5.49 0.09
C ASN A 91 26.41 -4.03 0.16
N ILE A 92 26.83 -3.55 1.31
CA ILE A 92 27.14 -2.15 1.48
C ILE A 92 28.29 -1.75 0.58
N ILE A 93 29.34 -2.58 0.56
CA ILE A 93 30.47 -2.32 -0.34
C ILE A 93 30.03 -2.28 -1.79
N ASN A 94 29.20 -3.20 -2.20
CA ASN A 94 28.73 -3.22 -3.61
C ASN A 94 27.95 -1.93 -3.90
N ALA A 95 27.15 -1.44 -2.94
CA ALA A 95 26.49 -0.23 -3.13
C ALA A 95 27.41 0.94 -3.25
N ALA A 96 28.44 0.94 -2.43
CA ALA A 96 29.39 2.02 -2.48
C ALA A 96 30.16 2.04 -3.86
N ILE A 97 30.40 0.88 -4.40
CA ILE A 97 31.07 0.70 -5.71
C ILE A 97 30.16 1.26 -6.82
N ILE A 98 28.91 0.89 -6.78
CA ILE A 98 27.90 1.42 -7.73
C ILE A 98 27.77 2.89 -7.65
N GLU A 99 27.60 3.44 -6.44
CA GLU A 99 27.42 4.80 -6.18
C GLU A 99 28.74 5.48 -5.87
N LYS A 100 29.68 5.43 -6.80
CA LYS A 100 31.05 5.87 -6.54
C LYS A 100 31.12 7.29 -6.22
N GLU A 101 30.18 8.00 -6.70
CA GLU A 101 30.24 9.41 -6.54
C GLU A 101 29.46 9.99 -5.39
N ARG A 102 28.87 9.17 -4.60
CA ARG A 102 27.94 9.64 -3.59
C ARG A 102 28.49 9.16 -2.26
N ILE A 103 28.28 9.92 -1.23
CA ILE A 103 28.65 9.53 0.15
C ILE A 103 27.79 8.38 0.61
N ILE A 104 28.42 7.43 1.26
CA ILE A 104 27.71 6.29 1.85
C ILE A 104 28.04 6.26 3.33
N GLY A 105 27.03 6.50 4.17
CA GLY A 105 27.23 6.36 5.58
C GLY A 105 26.99 4.97 6.09
N ILE A 106 27.78 4.54 7.12
CA ILE A 106 27.44 3.32 7.84
C ILE A 106 27.28 3.78 9.27
N PHE A 107 26.07 3.81 9.74
CA PHE A 107 25.71 4.28 11.06
C PHE A 107 25.77 3.11 12.03
N VAL A 108 26.75 3.10 12.94
CA VAL A 108 27.05 1.93 13.74
C VAL A 108 26.92 2.17 15.22
N ASP A 109 26.74 1.11 15.98
CA ASP A 109 26.79 1.23 17.44
C ASP A 109 27.16 -0.14 17.95
N GLY A 110 27.70 -0.17 19.14
CA GLY A 110 28.10 -1.38 19.81
C GLY A 110 29.47 -1.23 20.45
N ASP A 111 29.80 -2.16 21.30
CA ASP A 111 31.05 -2.09 22.11
C ASP A 111 32.23 -2.63 21.34
N PHE A 112 32.60 -1.96 20.24
CA PHE A 112 33.62 -2.44 19.36
C PHE A 112 34.98 -2.33 20.02
N SER A 113 35.83 -3.25 19.63
CA SER A 113 37.24 -3.21 20.09
C SER A 113 38.01 -2.18 19.35
N LYS A 114 39.18 -1.87 19.87
CA LYS A 114 40.05 -0.98 19.13
C LYS A 114 40.40 -1.55 17.83
N GLY A 115 40.67 -2.84 17.79
CA GLY A 115 40.94 -3.54 16.58
C GLY A 115 39.82 -3.46 15.55
N GLN A 116 38.62 -3.56 16.03
CA GLN A 116 37.43 -3.44 15.17
C GLN A 116 37.19 -2.02 14.63
N ARG A 117 37.46 -1.03 15.42
CA ARG A 117 37.39 0.35 14.98
C ARG A 117 38.45 0.57 13.92
N LYS A 118 39.66 0.02 14.12
CA LYS A 118 40.64 0.14 13.09
C LYS A 118 40.30 -0.58 11.84
N ALA A 119 39.63 -1.73 11.90
CA ALA A 119 39.21 -2.38 10.68
C ALA A 119 38.14 -1.55 9.94
N LEU A 120 37.26 -0.88 10.70
CA LEU A 120 36.29 0.03 10.09
C LEU A 120 36.97 1.21 9.42
N GLY A 121 38.05 1.71 10.01
CA GLY A 121 38.88 2.82 9.42
C GLY A 121 39.49 2.40 8.13
N LYS A 122 39.87 1.20 8.09
CA LYS A 122 40.45 0.65 6.99
C LYS A 122 39.48 0.42 5.82
N LEU A 123 38.26 0.13 6.13
CA LEU A 123 37.24 0.08 5.13
C LEU A 123 37.04 1.47 4.53
N GLU A 124 37.13 2.49 5.32
CA GLU A 124 36.98 3.86 4.84
C GLU A 124 38.17 4.26 3.94
N GLN A 125 39.32 3.71 4.26
CA GLN A 125 40.49 4.01 3.44
C GLN A 125 40.36 3.32 2.13
N ASN A 126 39.82 2.12 2.11
CA ASN A 126 39.64 1.36 0.92
C ASN A 126 38.51 1.79 -0.04
N TYR A 127 37.40 2.30 0.51
CA TYR A 127 36.32 2.82 -0.32
C TYR A 127 36.14 4.23 0.15
N ARG A 128 36.62 5.19 -0.63
CA ARG A 128 36.71 6.51 -0.17
C ARG A 128 35.41 7.26 0.09
N ASN A 129 34.33 6.73 -0.44
CA ASN A 129 33.06 7.31 -0.20
C ASN A 129 32.32 6.81 1.06
N ILE A 130 32.87 5.80 1.69
CA ILE A 130 32.26 5.26 2.91
C ILE A 130 32.69 6.10 4.11
N LYS A 131 31.73 6.49 4.94
CA LYS A 131 31.93 7.20 6.16
C LYS A 131 31.26 6.38 7.28
N VAL A 132 32.05 5.86 8.23
CA VAL A 132 31.51 5.14 9.41
C VAL A 132 31.16 6.13 10.48
N ILE A 133 29.88 6.24 10.85
CA ILE A 133 29.43 7.15 11.85
C ILE A 133 29.12 6.43 13.15
N TYR A 134 29.87 6.66 14.24
CA TYR A 134 29.57 6.03 15.53
C TYR A 134 28.47 6.76 16.23
N ASN A 135 27.42 6.04 16.64
CA ASN A 135 26.29 6.62 17.34
C ASN A 135 26.74 7.40 18.57
N SER A 136 27.81 6.96 19.16
CA SER A 136 28.30 7.63 20.38
C SER A 136 28.85 9.01 20.10
N ASP A 137 29.08 9.36 18.85
CA ASP A 137 29.54 10.70 18.49
C ASP A 137 28.45 11.66 18.14
N LEU A 138 27.20 11.26 18.26
CA LEU A 138 26.09 12.17 18.00
C LEU A 138 25.28 12.49 19.25
N ASN A 139 24.79 13.70 19.33
CA ASN A 139 24.02 14.18 20.48
C ASN A 139 22.55 14.29 20.14
N TYR A 140 21.78 13.53 20.90
CA TYR A 140 20.31 13.47 20.68
C TYR A 140 19.53 14.03 21.80
N SER A 141 20.15 14.80 22.67
CA SER A 141 19.45 15.25 23.86
C SER A 141 18.35 16.20 23.53
N MET A 142 18.37 16.89 22.39
CA MET A 142 17.33 17.79 21.98
C MET A 142 16.01 17.07 21.61
N TYR A 143 16.11 15.77 21.39
CA TYR A 143 14.90 14.97 21.05
C TYR A 143 14.39 14.11 22.20
N ASP A 144 15.03 14.13 23.34
CA ASP A 144 14.81 13.14 24.40
C ASP A 144 13.71 13.65 25.37
N LYS A 145 13.29 12.73 26.21
CA LYS A 145 12.26 13.04 27.27
C LYS A 145 12.37 12.02 28.31
N LYS A 146 12.20 12.39 29.61
CA LYS A 146 12.20 11.43 30.60
C LYS A 146 10.95 10.58 30.70
N LEU A 147 11.13 9.31 31.01
CA LEU A 147 9.99 8.40 31.09
C LEU A 147 9.06 8.78 32.25
N THR A 148 9.64 9.23 33.36
CA THR A 148 8.74 9.67 34.48
C THR A 148 7.85 10.72 34.02
N THR A 149 8.33 11.59 33.17
CA THR A 149 7.60 12.70 32.74
C THR A 149 6.39 12.25 31.92
N ILE A 150 6.72 11.40 30.95
CA ILE A 150 5.69 10.80 30.12
C ILE A 150 4.65 10.07 30.93
N TYR A 151 5.07 9.28 31.87
CA TYR A 151 4.11 8.47 32.68
C TYR A 151 3.24 9.40 33.54
N LEU A 152 3.86 10.42 34.13
CA LEU A 152 3.12 11.30 35.01
C LEU A 152 2.12 12.09 34.20
N GLU A 153 2.48 12.57 32.99
CA GLU A 153 1.55 13.30 32.15
C GLU A 153 0.36 12.43 31.76
N ASN A 154 0.61 11.16 31.42
CA ASN A 154 -0.49 10.28 31.04
C ASN A 154 -1.39 9.92 32.21
N ILE A 155 -0.80 9.61 33.32
CA ILE A 155 -1.57 9.31 34.58
C ILE A 155 -2.47 10.48 34.95
N THR A 156 -1.95 11.67 34.87
CA THR A 156 -2.74 12.89 35.17
C THR A 156 -3.95 13.01 34.28
N LYS A 157 -3.73 12.77 33.01
CA LYS A 157 -4.74 12.93 32.00
C LYS A 157 -5.82 11.86 32.23
N LEU A 158 -5.40 10.63 32.50
CA LEU A 158 -6.34 9.53 32.69
C LEU A 158 -7.16 9.76 33.94
N GLU A 159 -6.50 10.18 35.00
CA GLU A 159 -7.18 10.43 36.29
C GLU A 159 -8.12 11.56 36.26
N ALA A 160 -8.01 12.46 35.29
CA ALA A 160 -8.91 13.56 35.09
C ALA A 160 -10.21 13.05 34.45
N GLN A 161 -10.11 12.06 33.61
CA GLN A 161 -11.31 11.40 33.05
C GLN A 161 -12.09 10.71 34.13
N SER A 162 -13.40 10.63 33.95
CA SER A 162 -14.22 9.90 34.87
C SER A 162 -13.93 8.46 34.86
N ALA A 163 -14.18 7.83 35.95
CA ALA A 163 -14.02 6.43 36.12
C ALA A 163 -14.86 5.65 35.12
N SER A 164 -16.02 6.20 34.75
CA SER A 164 -16.86 5.51 33.83
C SER A 164 -16.54 5.74 32.36
N GLU A 165 -15.63 6.66 32.12
CA GLU A 165 -15.25 7.10 30.79
C GLU A 165 -13.96 6.39 30.39
N ARG A 166 -13.07 6.22 31.36
CA ARG A 166 -11.63 6.05 31.01
C ARG A 166 -11.17 4.60 30.88
N ASP A 167 -9.97 4.45 30.31
CA ASP A 167 -9.38 3.13 30.17
C ASP A 167 -8.62 2.85 31.44
N GLU A 168 -9.27 2.13 32.38
CA GLU A 168 -8.68 1.82 33.65
C GLU A 168 -7.53 0.85 33.56
N VAL A 169 -7.55 -0.05 32.58
CA VAL A 169 -6.47 -0.98 32.44
C VAL A 169 -5.18 -0.26 32.06
N LEU A 170 -5.29 0.66 31.12
CA LEU A 170 -4.14 1.47 30.72
C LEU A 170 -3.67 2.25 31.94
N LEU A 171 -4.62 2.87 32.67
CA LEU A 171 -4.21 3.68 33.82
C LEU A 171 -3.45 2.83 34.77
N ASN A 172 -3.92 1.62 35.06
CA ASN A 172 -3.14 0.73 35.91
C ASN A 172 -1.78 0.32 35.37
N GLY A 173 -1.71 0.11 34.08
CA GLY A 173 -0.44 -0.26 33.45
C GLY A 173 0.61 0.84 33.48
N VAL A 174 0.18 2.04 33.25
CA VAL A 174 1.08 3.19 33.31
C VAL A 174 1.54 3.41 34.74
N LYS A 175 0.64 3.29 35.70
CA LYS A 175 1.07 3.43 37.07
C LYS A 175 2.13 2.39 37.43
N LYS A 176 1.94 1.16 37.02
CA LYS A 176 2.94 0.16 37.23
C LYS A 176 4.26 0.45 36.51
N SER A 177 4.21 0.95 35.31
CA SER A 177 5.46 1.28 34.61
C SER A 177 6.20 2.41 35.37
N LEU A 178 5.45 3.37 35.87
CA LEU A 178 6.06 4.47 36.63
C LEU A 178 6.68 3.90 37.88
N GLU A 179 6.00 3.01 38.58
CA GLU A 179 6.59 2.43 39.80
C GLU A 179 7.91 1.69 39.47
N ASP A 180 7.93 0.95 38.37
CA ASP A 180 9.11 0.24 37.99
C ASP A 180 10.26 1.11 37.61
N VAL A 181 10.02 2.21 36.88
CA VAL A 181 11.11 3.11 36.53
C VAL A 181 11.70 3.80 37.80
N LEU A 182 10.84 4.21 38.71
CA LEU A 182 11.34 4.87 39.94
C LEU A 182 12.18 3.90 40.77
N LYS A 183 11.81 2.64 40.81
CA LYS A 183 12.59 1.67 41.51
C LYS A 183 13.93 1.40 40.84
N ASN A 184 13.94 1.35 39.53
CA ASN A 184 15.09 0.88 38.76
C ASN A 184 16.00 1.97 38.32
N ASN A 185 15.48 3.01 37.67
CA ASN A 185 16.28 4.10 37.26
C ASN A 185 15.40 5.28 36.98
N PRO A 186 15.26 6.16 37.98
CA PRO A 186 14.41 7.33 37.79
C PRO A 186 14.72 8.29 36.69
N GLU A 187 15.98 8.28 36.23
CA GLU A 187 16.38 9.20 35.22
C GLU A 187 16.27 8.59 33.82
N GLU A 188 15.70 7.41 33.72
CA GLU A 188 15.52 6.75 32.40
C GLU A 188 14.83 7.66 31.42
N THR A 189 15.34 7.72 30.17
CA THR A 189 14.68 8.52 29.16
C THR A 189 14.24 7.67 28.00
N LEU A 190 13.50 8.24 27.08
CA LEU A 190 13.18 7.50 25.83
C LEU A 190 14.37 6.98 25.19
N ILE A 191 15.33 7.80 25.07
CA ILE A 191 16.50 7.40 24.40
C ILE A 191 17.34 6.41 25.19
N SER A 192 17.54 6.51 26.49
CA SER A 192 18.28 5.53 27.24
C SER A 192 17.55 4.21 27.32
N SER A 193 16.22 4.25 27.24
CA SER A 193 15.42 3.09 27.31
C SER A 193 15.49 2.20 26.02
N HIS A 194 15.77 2.82 24.90
CA HIS A 194 15.84 2.04 23.64
C HIS A 194 17.30 1.65 23.39
N ASN A 195 17.82 0.82 24.28
CA ASN A 195 19.19 0.39 24.28
C ASN A 195 19.36 -1.02 23.73
N LYS A 196 20.59 -1.53 23.75
CA LYS A 196 20.84 -2.80 23.09
C LYS A 196 20.14 -4.01 23.66
N ASP A 197 19.67 -3.90 24.90
CA ASP A 197 18.97 -5.03 25.51
C ASP A 197 17.52 -5.11 25.03
N LYS A 198 17.10 -4.20 24.15
CA LYS A 198 15.72 -4.15 23.69
C LYS A 198 15.55 -4.71 22.30
N GLY A 199 16.49 -5.52 21.86
CA GLY A 199 16.42 -6.14 20.57
C GLY A 199 16.28 -5.11 19.46
N HIS A 200 15.32 -5.35 18.57
CA HIS A 200 15.23 -4.55 17.35
C HIS A 200 14.85 -3.10 17.65
N LEU A 201 14.31 -2.83 18.83
CA LEU A 201 13.95 -1.52 19.18
C LEU A 201 15.15 -0.59 19.25
N TRP A 202 16.28 -1.11 19.58
CA TRP A 202 17.55 -0.31 19.60
C TRP A 202 17.82 0.35 18.28
N PHE A 203 17.95 -0.46 17.25
CA PHE A 203 18.21 0.11 15.94
C PHE A 203 17.05 0.83 15.38
N ASP A 204 15.82 0.37 15.56
CA ASP A 204 14.69 1.10 15.03
C ASP A 204 14.56 2.50 15.56
N PHE A 205 14.79 2.68 16.87
CA PHE A 205 14.63 3.99 17.49
C PHE A 205 15.72 4.91 16.97
N TYR A 206 16.97 4.47 17.00
CA TYR A 206 18.05 5.39 16.61
C TYR A 206 18.04 5.66 15.11
N ARG A 207 17.49 4.77 14.31
CA ARG A 207 17.32 5.03 12.87
C ARG A 207 16.49 6.26 12.67
N ASN A 208 15.37 6.39 13.40
CA ASN A 208 14.53 7.58 13.22
C ASN A 208 15.23 8.82 13.74
N LEU A 209 16.02 8.69 14.79
CA LEU A 209 16.77 9.85 15.28
C LEU A 209 17.78 10.31 14.25
N PHE A 210 18.46 9.36 13.59
CA PHE A 210 19.42 9.71 12.58
C PHE A 210 18.76 10.49 11.47
N LEU A 211 17.59 9.99 11.06
CA LEU A 211 16.86 10.66 9.99
C LEU A 211 16.43 12.07 10.36
N LEU A 212 16.15 12.36 11.63
CA LEU A 212 15.93 13.74 12.03
C LEU A 212 17.17 14.61 11.81
N LYS A 213 18.36 14.06 12.11
CA LYS A 213 19.57 14.83 11.84
C LYS A 213 19.89 14.99 10.36
N GLY A 214 19.63 13.97 9.55
CA GLY A 214 19.97 13.99 8.15
C GLY A 214 21.46 14.12 7.87
N SER A 215 21.78 14.74 6.73
CA SER A 215 23.18 14.86 6.31
C SER A 215 24.06 15.49 7.30
N ASP A 216 23.54 16.40 8.07
CA ASP A 216 24.32 17.06 9.12
C ASP A 216 24.97 16.10 10.10
N ALA A 217 24.42 14.87 10.26
CA ALA A 217 25.04 13.93 11.11
C ALA A 217 26.49 13.59 10.69
N PHE A 218 26.76 13.61 9.42
CA PHE A 218 28.13 13.31 8.96
C PHE A 218 29.09 14.35 9.53
N LEU A 219 28.68 15.60 9.46
CA LEU A 219 29.48 16.72 9.99
C LEU A 219 29.58 16.71 11.49
N GLU A 220 28.48 16.43 12.17
CA GLU A 220 28.49 16.38 13.61
C GLU A 220 29.45 15.32 14.08
N ALA A 221 29.55 14.21 13.37
CA ALA A 221 30.45 13.15 13.77
C ALA A 221 31.90 13.38 13.37
N GLY A 222 32.16 14.48 12.73
CA GLY A 222 33.53 14.84 12.30
C GLY A 222 34.07 14.07 11.13
N LYS A 223 33.22 13.58 10.25
CA LYS A 223 33.73 12.75 9.15
C LYS A 223 34.34 13.67 8.10
N PRO A 224 35.48 13.30 7.60
CA PRO A 224 36.14 14.11 6.57
C PRO A 224 35.53 13.85 5.19
N GLY A 225 35.68 14.86 4.34
CA GLY A 225 35.29 14.84 2.99
C GLY A 225 33.80 14.90 2.79
N CYS A 226 33.15 15.53 3.75
CA CYS A 226 31.68 15.60 3.71
C CYS A 226 31.19 17.00 3.49
N HIS A 227 32.08 17.95 3.14
CA HIS A 227 31.71 19.33 3.11
C HIS A 227 30.93 19.72 1.84
N HIS A 228 30.77 18.81 0.91
CA HIS A 228 29.89 19.10 -0.19
C HIS A 228 28.48 18.63 0.06
N LEU A 229 28.19 18.07 1.22
CA LEU A 229 26.79 17.76 1.58
C LEU A 229 26.07 19.05 1.78
N GLN A 230 24.78 19.08 1.49
CA GLN A 230 24.01 20.29 1.70
C GLN A 230 23.68 20.50 3.17
N PRO A 231 23.89 21.68 3.70
CA PRO A 231 23.59 21.92 5.10
C PRO A 231 22.14 21.69 5.31
N GLY A 232 21.78 21.02 6.38
CA GLY A 232 20.42 20.60 6.60
C GLY A 232 19.80 19.66 5.63
N GLY A 233 20.60 19.01 4.83
CA GLY A 233 20.15 18.11 3.78
C GLY A 233 19.69 16.75 4.31
N GLY A 234 19.21 15.95 3.42
CA GLY A 234 18.68 14.65 3.73
C GLY A 234 19.56 13.46 3.57
N CYS A 235 18.94 12.29 3.50
CA CYS A 235 19.66 11.06 3.26
C CYS A 235 18.69 9.97 2.86
N ILE A 236 19.18 8.95 2.22
CA ILE A 236 18.42 7.79 1.80
C ILE A 236 18.86 6.66 2.65
N TYR A 237 18.07 6.32 3.68
CA TYR A 237 18.37 5.21 4.57
C TYR A 237 17.90 3.93 3.91
N LEU A 238 18.74 2.91 3.89
CA LEU A 238 18.39 1.60 3.38
C LEU A 238 18.83 0.49 4.30
N ASP A 239 18.00 -0.50 4.55
CA ASP A 239 18.44 -1.76 5.12
C ASP A 239 19.53 -2.38 4.22
N ALA A 240 20.49 -3.07 4.81
CA ALA A 240 21.61 -3.66 4.08
C ALA A 240 21.25 -4.75 3.12
N ASP A 241 20.07 -5.28 3.21
CA ASP A 241 19.52 -6.24 2.24
C ASP A 241 18.73 -5.63 1.08
N MET A 242 18.75 -4.33 0.93
CA MET A 242 18.15 -3.62 -0.17
C MET A 242 19.19 -3.49 -1.23
N LEU A 243 19.23 -4.46 -2.16
CA LEU A 243 20.40 -4.56 -3.06
C LEU A 243 20.32 -3.64 -4.24
N LEU A 244 21.33 -2.79 -4.44
CA LEU A 244 21.38 -1.92 -5.60
C LEU A 244 21.87 -2.74 -6.77
N THR A 245 21.21 -2.63 -7.90
CA THR A 245 21.71 -3.34 -9.12
C THR A 245 22.18 -2.31 -10.12
N ASP A 246 22.01 -1.06 -9.88
CA ASP A 246 22.54 0.06 -10.69
C ASP A 246 22.37 1.34 -9.95
N LYS A 247 22.86 2.42 -10.50
CA LYS A 247 22.76 3.73 -9.90
C LYS A 247 21.40 4.25 -9.64
N LEU A 248 21.21 4.93 -8.51
CA LEU A 248 19.85 5.40 -8.16
C LEU A 248 19.47 6.64 -8.90
N GLY A 249 20.45 7.45 -9.25
CA GLY A 249 20.13 8.76 -9.83
C GLY A 249 19.48 9.69 -8.89
N THR A 250 18.73 10.62 -9.46
CA THR A 250 18.05 11.64 -8.70
C THR A 250 16.64 11.13 -8.36
N LEU A 251 16.22 11.33 -7.12
CA LEU A 251 14.85 10.83 -6.73
C LEU A 251 13.92 12.00 -6.63
N TYR A 252 12.61 11.73 -6.76
CA TYR A 252 11.65 12.79 -6.61
C TYR A 252 10.55 12.29 -5.74
N LEU A 253 10.42 12.90 -4.58
CA LEU A 253 9.57 12.37 -3.51
C LEU A 253 8.59 13.41 -3.05
N PRO A 254 7.40 12.97 -2.66
CA PRO A 254 6.37 13.93 -2.27
C PRO A 254 6.72 14.55 -0.92
N ASP A 255 6.78 15.87 -0.91
CA ASP A 255 7.22 16.67 0.19
C ASP A 255 8.61 16.18 0.63
N GLY A 256 9.41 15.63 -0.27
CA GLY A 256 10.72 15.15 0.08
C GLY A 256 10.77 14.01 1.05
N ILE A 257 9.79 13.13 1.08
CA ILE A 257 9.88 11.95 1.97
C ILE A 257 9.26 10.73 1.29
N ALA A 258 9.82 9.57 1.48
CA ALA A 258 9.19 8.31 1.07
C ALA A 258 9.73 7.18 1.90
N ILE A 259 8.97 6.08 2.02
CA ILE A 259 9.43 4.92 2.78
C ILE A 259 9.07 3.63 2.12
N HIS A 260 9.67 2.54 2.56
CA HIS A 260 9.43 1.22 2.00
C HIS A 260 7.98 0.79 2.30
N VAL A 261 7.35 0.18 1.29
CA VAL A 261 6.05 -0.52 1.46
C VAL A 261 6.23 -1.96 1.05
N SER A 262 5.79 -2.90 1.88
CA SER A 262 5.89 -4.30 1.48
C SER A 262 4.49 -4.70 0.94
N ARG A 263 4.49 -5.58 -0.01
CA ARG A 263 3.24 -6.12 -0.54
C ARG A 263 3.37 -7.67 -0.64
N HIS A 267 -1.03 -8.48 1.46
CA HIS A 267 -0.76 -7.72 2.66
C HIS A 267 0.14 -6.58 2.26
N VAL A 268 -0.28 -5.37 2.61
CA VAL A 268 0.40 -4.11 2.22
C VAL A 268 0.71 -3.37 3.47
N SER A 269 1.99 -3.06 3.73
CA SER A 269 2.30 -2.39 4.99
C SER A 269 3.39 -1.32 4.76
N LEU A 270 3.29 -0.26 5.52
CA LEU A 270 4.42 0.65 5.68
C LEU A 270 5.53 -0.19 6.32
N GLU A 271 6.78 0.17 6.03
CA GLU A 271 7.93 -0.51 6.64
C GLU A 271 9.02 0.51 6.87
N ASN A 272 9.97 0.17 7.73
CA ASN A 272 11.06 1.08 8.00
C ASN A 272 12.34 0.75 7.33
N GLY A 273 12.37 -0.19 6.37
CA GLY A 273 13.66 -0.58 5.77
C GLY A 273 14.19 0.30 4.67
N ILE A 274 13.39 1.24 4.21
CA ILE A 274 13.84 2.37 3.44
C ILE A 274 13.18 3.57 4.01
N ILE A 275 13.97 4.62 4.29
CA ILE A 275 13.41 5.89 4.67
C ILE A 275 14.24 6.96 3.99
N ALA A 276 13.64 7.77 3.12
CA ALA A 276 14.34 8.85 2.39
C ALA A 276 13.75 10.14 2.74
N VAL A 277 14.56 11.13 3.06
CA VAL A 277 14.15 12.49 3.30
C VAL A 277 15.01 13.47 2.54
N ASN A 278 14.48 14.61 2.19
CA ASN A 278 15.31 15.65 1.52
C ASN A 278 15.86 16.69 2.48
N ARG A 279 15.56 16.61 3.76
CA ARG A 279 15.96 17.58 4.66
C ARG A 279 15.96 17.07 6.08
N SER A 280 16.65 17.80 6.97
CA SER A 280 16.63 17.55 8.39
C SER A 280 15.32 17.87 9.04
N GLU A 281 15.03 17.20 10.12
CA GLU A 281 13.82 17.42 10.92
C GLU A 281 12.58 17.49 10.02
N HIS A 282 12.40 16.51 9.16
CA HIS A 282 11.21 16.50 8.31
C HIS A 282 9.99 16.54 9.27
N PRO A 283 9.01 17.39 8.94
CA PRO A 283 7.90 17.65 9.82
C PRO A 283 7.07 16.40 10.11
N ALA A 284 7.04 15.48 9.16
CA ALA A 284 6.34 14.23 9.37
C ALA A 284 7.04 13.39 10.40
N LEU A 285 8.40 13.41 10.38
CA LEU A 285 9.12 12.71 11.43
C LEU A 285 9.08 13.46 12.75
N ILE A 286 8.99 14.79 12.75
CA ILE A 286 8.84 15.51 13.99
C ILE A 286 7.46 15.20 14.60
N LYS A 287 6.47 15.04 13.78
CA LYS A 287 5.15 14.69 14.21
C LYS A 287 5.16 13.37 14.94
N GLY A 288 5.85 12.37 14.37
CA GLY A 288 5.97 11.09 15.03
C GLY A 288 6.75 11.17 16.34
N LEU A 289 7.73 12.04 16.40
CA LEU A 289 8.47 12.15 17.69
C LEU A 289 7.53 12.70 18.72
N GLU A 290 6.68 13.63 18.33
CA GLU A 290 5.69 14.20 19.28
C GLU A 290 4.80 13.09 19.83
N ILE A 291 4.45 12.10 19.00
CA ILE A 291 3.72 10.92 19.48
C ILE A 291 4.53 10.17 20.44
N MET A 292 5.86 9.98 20.17
CA MET A 292 6.69 9.26 21.11
C MET A 292 6.78 10.00 22.46
N HIS A 293 6.69 11.30 22.43
CA HIS A 293 6.77 12.09 23.67
C HIS A 293 5.47 12.11 24.45
N SER A 294 4.37 11.78 23.81
CA SER A 294 3.05 11.77 24.45
C SER A 294 2.52 10.40 24.83
N LYS A 295 2.90 9.34 24.14
CA LYS A 295 2.28 8.06 24.34
C LYS A 295 3.14 7.31 25.30
N PRO A 296 2.57 6.62 26.24
CA PRO A 296 3.33 5.61 26.96
C PRO A 296 3.41 4.39 25.93
N TYR A 297 4.52 3.80 25.93
CA TYR A 297 4.79 2.72 25.10
C TYR A 297 4.83 3.04 23.58
N GLY A 298 5.12 4.27 23.19
CA GLY A 298 5.29 4.58 21.76
C GLY A 298 6.35 3.62 21.12
N ASP A 299 5.99 3.12 19.95
CA ASP A 299 6.89 2.24 19.15
C ASP A 299 7.45 3.01 17.97
N PRO A 300 8.76 2.87 17.72
CA PRO A 300 9.38 3.61 16.65
C PRO A 300 8.83 3.29 15.31
N TYR A 301 8.47 2.04 15.05
CA TYR A 301 7.78 1.74 13.80
C TYR A 301 6.32 2.10 13.75
N ASN A 302 5.52 1.59 14.67
CA ASN A 302 4.06 1.70 14.60
C ASN A 302 3.58 3.11 14.94
N ASP A 303 4.28 3.78 15.85
CA ASP A 303 3.83 5.11 16.28
C ASP A 303 4.62 6.19 15.63
N TRP A 304 5.95 6.21 15.80
CA TRP A 304 6.71 7.30 15.23
C TRP A 304 6.65 7.38 13.75
N LEU A 305 7.00 6.29 13.09
CA LEU A 305 7.03 6.26 11.66
C LEU A 305 5.67 6.17 11.05
N SER A 306 4.92 5.14 11.38
CA SER A 306 3.67 4.87 10.70
C SER A 306 2.56 5.87 11.04
N LYS A 307 2.29 6.11 12.31
CA LYS A 307 1.33 7.15 12.70
C LYS A 307 1.79 8.51 12.48
N GLY A 308 3.08 8.78 12.72
CA GLY A 308 3.55 10.07 12.45
C GLY A 308 3.36 10.50 11.04
N LEU A 309 3.76 9.67 10.09
CA LEU A 309 3.64 10.04 8.70
C LEU A 309 2.12 10.13 8.28
N ARG A 310 1.34 9.13 8.63
CA ARG A 310 -0.09 9.12 8.29
C ARG A 310 -0.80 10.27 8.94
N HIS A 311 -0.46 10.62 10.16
CA HIS A 311 -1.21 11.73 10.81
C HIS A 311 -0.75 13.04 10.29
N TYR A 312 0.49 13.13 9.87
CA TYR A 312 0.93 14.26 9.17
C TYR A 312 0.29 14.47 7.81
N PHE A 313 0.20 13.44 6.99
CA PHE A 313 -0.35 13.60 5.67
C PHE A 313 -1.88 13.41 5.62
N ASP A 314 -2.48 12.74 6.61
CA ASP A 314 -3.94 12.53 6.53
C ASP A 314 -4.47 12.63 7.92
N GLY A 315 -4.35 13.81 8.51
CA GLY A 315 -4.65 14.01 9.89
C GLY A 315 -6.10 13.77 10.26
N SER A 316 -6.98 13.97 9.31
CA SER A 316 -8.42 13.78 9.54
C SER A 316 -8.87 12.39 9.12
N HIS A 317 -7.94 11.57 8.66
CA HIS A 317 -8.23 10.20 8.25
C HIS A 317 -9.30 10.12 7.22
N ILE A 318 -9.16 10.89 6.17
CA ILE A 318 -10.09 10.75 5.06
C ILE A 318 -9.69 9.79 3.94
N GLN A 319 -8.51 9.14 4.05
CA GLN A 319 -8.10 8.17 3.05
C GLN A 319 -7.77 6.82 3.66
N ASP A 320 -7.72 5.80 2.81
CA ASP A 320 -7.51 4.41 3.16
C ASP A 320 -6.02 4.32 3.53
N TYR A 321 -5.69 3.42 4.44
CA TYR A 321 -4.31 3.14 4.75
C TYR A 321 -3.63 2.76 3.48
N ASP A 322 -4.28 1.95 2.65
CA ASP A 322 -3.65 1.60 1.35
C ASP A 322 -3.35 2.72 0.42
N ALA A 323 -4.17 3.72 0.39
CA ALA A 323 -3.87 4.87 -0.46
C ALA A 323 -2.68 5.61 0.10
N PHE A 324 -2.58 5.68 1.42
CA PHE A 324 -1.42 6.39 1.98
C PHE A 324 -0.17 5.64 1.57
N CYS A 325 -0.22 4.34 1.63
CA CYS A 325 0.94 3.54 1.24
C CYS A 325 1.40 3.82 -0.19
N ASP A 326 0.42 3.96 -1.13
CA ASP A 326 0.74 4.27 -2.52
C ASP A 326 1.38 5.62 -2.65
N PHE A 327 0.94 6.56 -1.85
CA PHE A 327 1.39 7.93 -1.93
C PHE A 327 2.83 8.00 -1.43
N ILE A 328 3.09 7.32 -0.30
CA ILE A 328 4.42 7.43 0.37
C ILE A 328 5.44 6.47 -0.19
N GLU A 329 5.04 5.50 -0.98
CA GLU A 329 5.92 4.40 -1.34
C GLU A 329 7.20 4.83 -2.02
N PHE A 330 8.35 4.36 -1.49
CA PHE A 330 9.60 4.49 -2.18
C PHE A 330 9.72 3.41 -3.22
N LYS A 331 9.76 3.82 -4.48
CA LYS A 331 9.89 2.90 -5.59
C LYS A 331 11.21 3.10 -6.33
N HIS A 332 11.86 2.02 -6.66
CA HIS A 332 13.04 2.11 -7.50
C HIS A 332 13.35 0.82 -8.18
N GLU A 333 13.41 0.87 -9.52
CA GLU A 333 13.71 -0.38 -10.22
C GLU A 333 15.07 -0.95 -10.09
N ASN A 334 16.01 -0.19 -9.60
CA ASN A 334 17.36 -0.64 -9.42
C ASN A 334 17.65 -1.06 -7.95
N ILE A 335 16.61 -1.34 -7.14
CA ILE A 335 16.83 -1.96 -5.87
C ILE A 335 16.06 -3.27 -5.81
N ILE A 336 16.64 -4.34 -5.33
CA ILE A 336 15.91 -5.55 -5.05
C ILE A 336 15.64 -5.43 -3.53
N MET A 337 14.39 -5.37 -3.16
CA MET A 337 14.07 -4.97 -1.76
C MET A 337 13.96 -6.13 -0.81
N ASN A 338 14.36 -5.90 0.46
CA ASN A 338 14.20 -6.84 1.53
C ASN A 338 14.59 -8.26 1.22
N THR A 339 15.82 -8.42 0.72
CA THR A 339 16.24 -9.76 0.36
C THR A 339 16.42 -10.72 1.48
N SER A 340 16.47 -10.27 2.76
CA SER A 340 16.54 -11.16 3.83
C SER A 340 15.27 -12.00 3.88
N SER A 341 14.16 -11.47 3.38
CA SER A 341 12.93 -12.20 3.42
C SER A 341 12.97 -13.45 2.57
N LEU A 342 13.94 -13.51 1.66
CA LEU A 342 14.18 -14.70 0.83
C LEU A 342 15.35 -15.54 1.26
N THR A 343 15.99 -15.18 2.38
CA THR A 343 17.02 -16.03 2.96
C THR A 343 16.72 -16.21 4.43
N ALA A 344 17.22 -15.31 5.29
CA ALA A 344 16.73 -15.25 6.67
C ALA A 344 16.98 -13.89 7.30
N SER A 345 16.13 -13.52 8.23
CA SER A 345 16.32 -12.25 8.95
C SER A 345 17.59 -12.34 9.76
N SER A 346 18.29 -11.24 9.88
CA SER A 346 19.52 -11.28 10.69
C SER A 346 19.28 -11.18 12.18
N TRP A 347 18.02 -11.05 12.58
CA TRP A 347 17.70 -10.93 14.02
C TRP A 347 16.40 -11.59 14.45
N ARG A 348 15.40 -11.80 13.59
CA ARG A 348 14.10 -12.34 14.07
C ARG A 348 14.13 -13.77 14.65
N GLY B 41 -35.71 0.56 6.39
CA GLY B 41 -36.06 1.61 5.38
C GLY B 41 -34.90 2.48 4.86
N HIS B 42 -34.08 3.08 5.73
CA HIS B 42 -33.04 4.03 5.25
C HIS B 42 -31.88 4.22 6.19
N VAL B 43 -30.78 4.74 5.66
CA VAL B 43 -29.58 5.08 6.42
C VAL B 43 -29.12 6.39 5.91
N SER B 44 -28.41 7.14 6.75
CA SER B 44 -27.96 8.45 6.28
C SER B 44 -26.46 8.54 6.25
N PHE B 45 -25.94 9.24 5.25
CA PHE B 45 -24.53 9.44 5.17
C PHE B 45 -24.18 10.78 4.59
N ALA B 46 -23.28 11.50 5.26
CA ALA B 46 -22.78 12.80 4.73
C ALA B 46 -23.91 13.77 4.42
N GLY B 47 -24.95 13.71 5.25
CA GLY B 47 -26.08 14.60 5.17
C GLY B 47 -27.16 14.17 4.22
N ILE B 48 -27.03 13.00 3.62
CA ILE B 48 -28.04 12.56 2.70
C ILE B 48 -28.63 11.26 3.18
N ASP B 49 -29.94 11.13 2.96
CA ASP B 49 -30.64 9.93 3.31
C ASP B 49 -30.65 8.96 2.16
N TYR B 50 -30.29 7.71 2.44
CA TYR B 50 -30.22 6.71 1.38
C TYR B 50 -31.19 5.58 1.68
N PRO B 51 -32.10 5.31 0.76
CA PRO B 51 -33.04 4.22 0.99
C PRO B 51 -32.36 2.85 0.90
N LEU B 52 -32.74 1.89 1.71
CA LEU B 52 -32.19 0.56 1.63
C LEU B 52 -32.99 -0.17 0.56
N LEU B 53 -32.32 -0.48 -0.54
CA LEU B 53 -32.96 -1.05 -1.71
C LEU B 53 -32.68 -2.56 -1.79
N PRO B 54 -33.68 -3.33 -2.23
CA PRO B 54 -33.55 -4.81 -2.34
C PRO B 54 -32.74 -5.26 -3.52
N LEU B 55 -31.94 -6.31 -3.30
CA LEU B 55 -31.34 -7.03 -4.42
C LEU B 55 -31.98 -8.32 -4.26
N ASN B 56 -32.98 -8.55 -5.09
CA ASN B 56 -33.68 -9.80 -4.86
C ASN B 56 -32.92 -10.97 -5.37
N HIS B 57 -33.50 -12.08 -5.00
CA HIS B 57 -32.94 -13.35 -5.09
C HIS B 57 -32.75 -13.73 -6.52
N GLN B 58 -33.37 -12.99 -7.42
CA GLN B 58 -33.19 -13.10 -8.84
C GLN B 58 -31.81 -12.64 -9.33
N THR B 59 -31.25 -11.63 -8.66
CA THR B 59 -30.01 -11.00 -9.08
C THR B 59 -28.87 -12.06 -9.16
N PRO B 60 -28.17 -12.14 -10.28
CA PRO B 60 -27.18 -13.21 -10.40
C PRO B 60 -25.98 -13.10 -9.48
N LEU B 61 -25.39 -14.21 -9.13
CA LEU B 61 -24.07 -14.20 -8.53
C LEU B 61 -23.03 -14.40 -9.58
N VAL B 62 -21.96 -13.62 -9.58
CA VAL B 62 -21.00 -13.66 -10.62
C VAL B 62 -19.66 -13.90 -10.03
N PHE B 63 -18.92 -14.89 -10.54
CA PHE B 63 -17.56 -15.08 -10.21
C PHE B 63 -16.70 -14.70 -11.43
N GLN B 64 -15.41 -14.58 -11.29
CA GLN B 64 -14.53 -14.23 -12.41
C GLN B 64 -13.30 -15.13 -12.49
N TRP B 65 -12.96 -15.63 -13.65
CA TRP B 65 -11.65 -16.31 -13.79
C TRP B 65 -11.01 -15.86 -15.10
N PHE B 66 -10.01 -15.02 -14.92
CA PHE B 66 -9.20 -14.51 -15.99
C PHE B 66 -7.86 -15.24 -15.92
N GLU B 67 -7.54 -15.93 -17.02
CA GLU B 67 -6.40 -16.84 -16.99
C GLU B 67 -5.35 -16.48 -17.99
N ARG B 68 -4.21 -16.06 -17.50
CA ARG B 68 -3.12 -15.70 -18.45
C ARG B 68 -2.30 -16.92 -18.90
N ASN B 69 -2.41 -18.04 -18.22
CA ASN B 69 -1.63 -19.22 -18.58
C ASN B 69 -2.51 -20.48 -18.70
N PRO B 70 -3.45 -20.48 -19.62
CA PRO B 70 -4.40 -21.60 -19.73
C PRO B 70 -3.76 -22.95 -20.03
N ASP B 71 -2.55 -22.94 -20.57
CA ASP B 71 -1.85 -24.23 -20.73
C ASP B 71 -1.45 -24.96 -19.50
N ARG B 72 -1.60 -24.32 -18.32
CA ARG B 72 -1.39 -25.02 -17.11
C ARG B 72 -2.50 -26.00 -16.81
N PHE B 73 -3.63 -25.91 -17.53
CA PHE B 73 -4.73 -26.86 -17.44
C PHE B 73 -4.71 -27.76 -18.63
N GLY B 74 -5.28 -28.96 -18.48
CA GLY B 74 -5.42 -29.86 -19.61
C GLY B 74 -6.22 -29.24 -20.70
N GLN B 75 -5.96 -29.64 -21.95
CA GLN B 75 -6.62 -29.05 -23.04
C GLN B 75 -8.06 -29.42 -23.09
N ASN B 76 -8.50 -30.47 -22.34
CA ASN B 76 -9.88 -30.84 -22.26
C ASN B 76 -10.47 -30.61 -20.86
N GLU B 77 -9.80 -29.81 -20.07
CA GLU B 77 -10.15 -29.62 -18.65
C GLU B 77 -10.78 -28.20 -18.50
N ILE B 78 -11.61 -28.03 -17.50
CA ILE B 78 -12.22 -26.71 -17.22
C ILE B 78 -11.03 -25.91 -16.74
N PRO B 79 -10.77 -24.77 -17.43
CA PRO B 79 -9.58 -23.99 -17.18
C PRO B 79 -9.71 -22.99 -16.01
N ILE B 80 -10.12 -23.50 -14.84
CA ILE B 80 -10.27 -22.69 -13.62
C ILE B 80 -9.56 -23.44 -12.54
N ILE B 81 -8.77 -22.76 -11.71
CA ILE B 81 -8.04 -23.42 -10.70
C ILE B 81 -8.87 -24.19 -9.72
N ASN B 82 -8.42 -25.38 -9.37
CA ASN B 82 -9.22 -26.25 -8.53
C ASN B 82 -8.30 -27.20 -7.77
N THR B 83 -7.32 -26.64 -7.10
CA THR B 83 -6.44 -27.40 -6.26
C THR B 83 -6.97 -27.46 -4.84
N GLN B 84 -6.34 -28.32 -4.04
CA GLN B 84 -6.63 -28.37 -2.62
C GLN B 84 -6.59 -27.05 -1.94
N LYS B 85 -5.58 -26.26 -2.25
CA LYS B 85 -5.36 -24.99 -1.62
C LYS B 85 -6.27 -23.89 -2.18
N ASN B 86 -6.56 -23.98 -3.46
CA ASN B 86 -7.41 -22.97 -4.13
C ASN B 86 -8.46 -23.74 -4.93
N PRO B 87 -9.43 -24.36 -4.25
CA PRO B 87 -10.43 -25.18 -4.88
C PRO B 87 -11.54 -24.31 -5.47
N TYR B 88 -11.19 -23.44 -6.39
CA TYR B 88 -12.13 -22.40 -6.84
C TYR B 88 -13.25 -22.88 -7.67
N LEU B 89 -12.99 -23.78 -8.64
CA LEU B 89 -14.12 -24.35 -9.36
C LEU B 89 -15.08 -25.08 -8.42
N ASN B 90 -14.56 -25.91 -7.51
CA ASN B 90 -15.46 -26.58 -6.54
C ASN B 90 -16.28 -25.55 -5.74
N ASN B 91 -15.66 -24.44 -5.36
CA ASN B 91 -16.37 -23.43 -4.60
C ASN B 91 -17.50 -22.79 -5.44
N ILE B 92 -17.27 -22.58 -6.73
CA ILE B 92 -18.26 -21.99 -7.62
C ILE B 92 -19.42 -22.97 -7.73
N ILE B 93 -19.07 -24.23 -7.94
CA ILE B 93 -20.11 -25.28 -8.03
C ILE B 93 -20.94 -25.34 -6.76
N ASN B 94 -20.30 -25.31 -5.64
CA ASN B 94 -21.01 -25.42 -4.36
C ASN B 94 -21.96 -24.24 -4.14
N ALA B 95 -21.58 -23.06 -4.58
CA ALA B 95 -22.44 -21.91 -4.57
C ALA B 95 -23.64 -22.09 -5.48
N ALA B 96 -23.42 -22.62 -6.67
CA ALA B 96 -24.46 -22.83 -7.63
C ALA B 96 -25.49 -23.89 -7.11
N ILE B 97 -25.02 -24.82 -6.37
CA ILE B 97 -25.90 -25.84 -5.70
C ILE B 97 -26.76 -25.18 -4.64
N ILE B 98 -26.19 -24.40 -3.77
CA ILE B 98 -26.96 -23.70 -2.78
C ILE B 98 -27.92 -22.73 -3.40
N GLU B 99 -27.46 -21.99 -4.41
CA GLU B 99 -28.26 -21.04 -5.11
C GLU B 99 -28.77 -21.65 -6.40
N LYS B 100 -29.39 -22.83 -6.30
CA LYS B 100 -29.92 -23.52 -7.52
C LYS B 100 -30.93 -22.74 -8.26
N GLU B 101 -31.69 -21.87 -7.63
CA GLU B 101 -32.69 -21.13 -8.30
C GLU B 101 -32.23 -19.74 -8.72
N ARG B 102 -30.93 -19.46 -8.63
CA ARG B 102 -30.41 -18.16 -9.07
C ARG B 102 -29.39 -18.45 -10.20
N ILE B 103 -29.30 -17.55 -11.13
CA ILE B 103 -28.28 -17.63 -12.19
C ILE B 103 -26.91 -17.37 -11.59
N ILE B 104 -25.93 -18.15 -11.98
CA ILE B 104 -24.56 -18.00 -11.53
C ILE B 104 -23.74 -17.71 -12.75
N GLY B 105 -23.08 -16.54 -12.80
CA GLY B 105 -22.21 -16.27 -13.94
C GLY B 105 -20.78 -16.63 -13.64
N ILE B 106 -20.04 -17.19 -14.61
CA ILE B 106 -18.61 -17.24 -14.50
C ILE B 106 -17.98 -16.40 -15.57
N PHE B 107 -17.44 -15.23 -15.23
CA PHE B 107 -16.94 -14.24 -16.20
C PHE B 107 -15.49 -14.52 -16.46
N VAL B 108 -15.15 -14.94 -17.70
CA VAL B 108 -13.85 -15.48 -17.97
C VAL B 108 -13.12 -14.74 -19.13
N ASP B 109 -11.82 -14.88 -19.15
CA ASP B 109 -11.03 -14.34 -20.27
C ASP B 109 -9.76 -15.13 -20.29
N GLY B 110 -9.06 -15.12 -21.42
CA GLY B 110 -7.86 -15.93 -21.62
C GLY B 110 -7.91 -16.68 -22.90
N ASP B 111 -6.75 -17.16 -23.36
CA ASP B 111 -6.70 -17.84 -24.64
C ASP B 111 -7.01 -19.33 -24.47
N PHE B 112 -8.25 -19.62 -24.16
CA PHE B 112 -8.65 -20.98 -23.88
C PHE B 112 -8.68 -21.76 -25.17
N SER B 113 -8.26 -23.02 -25.09
CA SER B 113 -8.34 -23.93 -26.25
C SER B 113 -9.80 -24.28 -26.56
N LYS B 114 -10.06 -24.86 -27.73
CA LYS B 114 -11.39 -25.34 -28.05
C LYS B 114 -11.87 -26.38 -27.08
N GLY B 115 -10.92 -27.21 -26.63
CA GLY B 115 -11.29 -28.24 -25.66
C GLY B 115 -11.66 -27.67 -24.30
N GLN B 116 -10.98 -26.63 -23.92
CA GLN B 116 -11.28 -25.96 -22.61
C GLN B 116 -12.62 -25.25 -22.68
N ARG B 117 -12.92 -24.64 -23.82
CA ARG B 117 -14.24 -24.09 -24.10
C ARG B 117 -15.32 -25.09 -24.08
N LYS B 118 -15.05 -26.31 -24.62
CA LYS B 118 -16.00 -27.37 -24.58
C LYS B 118 -16.22 -27.84 -23.19
N ALA B 119 -15.16 -27.85 -22.35
CA ALA B 119 -15.28 -28.29 -21.00
C ALA B 119 -16.11 -27.32 -20.19
N LEU B 120 -15.95 -26.04 -20.45
CA LEU B 120 -16.86 -25.06 -19.81
C LEU B 120 -18.30 -25.21 -20.29
N GLY B 121 -18.55 -25.57 -21.57
CA GLY B 121 -19.88 -25.87 -22.01
C GLY B 121 -20.52 -27.03 -21.32
N LYS B 122 -19.72 -28.04 -21.04
CA LYS B 122 -20.24 -29.17 -20.30
C LYS B 122 -20.58 -28.81 -18.85
N LEU B 123 -19.80 -27.92 -18.26
CA LEU B 123 -20.13 -27.49 -16.95
C LEU B 123 -21.48 -26.87 -16.94
N GLU B 124 -21.78 -26.11 -17.95
CA GLU B 124 -23.06 -25.41 -18.08
C GLU B 124 -24.26 -26.39 -18.24
N GLN B 125 -24.00 -27.52 -18.89
CA GLN B 125 -24.98 -28.59 -18.99
C GLN B 125 -25.15 -29.33 -17.68
N ASN B 126 -24.08 -29.57 -16.93
CA ASN B 126 -24.17 -30.20 -15.65
C ASN B 126 -24.82 -29.41 -14.56
N TYR B 127 -24.72 -28.09 -14.63
CA TYR B 127 -25.35 -27.26 -13.61
C TYR B 127 -26.11 -26.25 -14.38
N ARG B 128 -27.44 -26.38 -14.44
CA ARG B 128 -28.20 -25.65 -15.37
C ARG B 128 -28.25 -24.16 -15.10
N ASN B 129 -27.95 -23.74 -13.88
CA ASN B 129 -27.91 -22.31 -13.54
C ASN B 129 -26.56 -21.66 -13.79
N ILE B 130 -25.53 -22.37 -14.18
CA ILE B 130 -24.21 -21.76 -14.44
C ILE B 130 -24.14 -21.30 -15.86
N LYS B 131 -23.73 -20.04 -16.05
CA LYS B 131 -23.62 -19.45 -17.34
C LYS B 131 -22.21 -18.86 -17.49
N VAL B 132 -21.45 -19.34 -18.46
CA VAL B 132 -20.11 -18.89 -18.72
C VAL B 132 -20.18 -17.72 -19.69
N ILE B 133 -19.61 -16.59 -19.29
CA ILE B 133 -19.59 -15.39 -20.12
C ILE B 133 -18.15 -15.10 -20.50
N TYR B 134 -17.82 -15.22 -21.81
CA TYR B 134 -16.53 -14.84 -22.25
C TYR B 134 -16.43 -13.31 -22.42
N ASN B 135 -15.38 -12.71 -21.94
CA ASN B 135 -15.15 -11.25 -21.95
C ASN B 135 -15.15 -10.78 -23.43
N SER B 136 -14.65 -11.61 -24.34
CA SER B 136 -14.62 -11.19 -25.77
C SER B 136 -15.96 -11.20 -26.40
N ASP B 137 -16.96 -11.72 -25.72
CA ASP B 137 -18.32 -11.61 -26.25
C ASP B 137 -19.07 -10.31 -25.81
N LEU B 138 -18.46 -9.48 -24.97
CA LEU B 138 -19.13 -8.25 -24.56
C LEU B 138 -18.47 -7.02 -25.22
N ASN B 139 -19.27 -6.02 -25.50
CA ASN B 139 -18.85 -4.77 -26.19
C ASN B 139 -18.82 -3.69 -25.15
N TYR B 140 -17.62 -3.15 -24.90
CA TYR B 140 -17.45 -2.14 -23.92
C TYR B 140 -17.26 -0.76 -24.58
N SER B 141 -17.59 -0.66 -25.88
CA SER B 141 -17.27 0.55 -26.59
C SER B 141 -17.95 1.75 -26.01
N MET B 142 -19.12 1.59 -25.42
CA MET B 142 -19.86 2.68 -24.84
C MET B 142 -19.18 3.29 -23.59
N TYR B 143 -18.20 2.59 -23.00
CA TYR B 143 -17.53 3.07 -21.82
C TYR B 143 -16.10 3.47 -22.18
N ASP B 144 -15.74 3.38 -23.47
CA ASP B 144 -14.36 3.53 -23.89
C ASP B 144 -14.01 5.02 -24.28
N LYS B 145 -12.76 5.29 -24.49
CA LYS B 145 -12.29 6.64 -24.90
C LYS B 145 -10.91 6.50 -25.47
N LYS B 146 -10.59 7.25 -26.54
CA LYS B 146 -9.31 7.12 -27.18
C LYS B 146 -8.25 7.78 -26.36
N LEU B 147 -7.08 7.21 -26.27
CA LEU B 147 -6.02 7.81 -25.52
C LEU B 147 -5.65 9.19 -26.06
N THR B 148 -5.64 9.31 -27.38
CA THR B 148 -5.25 10.61 -27.89
C THR B 148 -6.21 11.69 -27.47
N THR B 149 -7.47 11.37 -27.33
CA THR B 149 -8.44 12.28 -26.85
C THR B 149 -8.20 12.70 -25.39
N ILE B 150 -7.88 11.72 -24.57
CA ILE B 150 -7.55 11.95 -23.24
C ILE B 150 -6.36 12.88 -23.16
N TYR B 151 -5.35 12.58 -23.94
CA TYR B 151 -4.14 13.40 -23.86
C TYR B 151 -4.42 14.83 -24.32
N LEU B 152 -5.21 14.99 -25.37
CA LEU B 152 -5.51 16.35 -25.85
C LEU B 152 -6.22 17.10 -24.74
N GLU B 153 -7.23 16.47 -24.16
CA GLU B 153 -7.96 17.14 -23.03
C GLU B 153 -7.08 17.57 -21.93
N ASN B 154 -6.15 16.71 -21.55
CA ASN B 154 -5.25 17.05 -20.48
C ASN B 154 -4.25 18.11 -20.83
N ILE B 155 -3.69 18.07 -22.04
CA ILE B 155 -2.77 19.10 -22.47
C ILE B 155 -3.53 20.45 -22.47
N THR B 156 -4.78 20.40 -22.94
CA THR B 156 -5.56 21.60 -23.02
C THR B 156 -5.78 22.21 -21.64
N LYS B 157 -6.12 21.38 -20.68
CA LYS B 157 -6.37 21.86 -19.34
C LYS B 157 -5.11 22.43 -18.74
N LEU B 158 -4.01 21.71 -18.93
CA LEU B 158 -2.75 22.15 -18.32
C LEU B 158 -2.30 23.48 -18.89
N GLU B 159 -2.41 23.65 -20.21
CA GLU B 159 -1.96 24.85 -20.86
C GLU B 159 -2.81 26.05 -20.41
N ALA B 160 -4.06 25.74 -20.10
CA ALA B 160 -5.01 26.75 -19.54
C ALA B 160 -4.70 27.15 -18.16
N GLN B 161 -4.04 26.32 -17.41
CA GLN B 161 -3.69 26.70 -16.04
C GLN B 161 -2.75 27.85 -16.05
N SER B 162 -2.77 28.65 -14.97
CA SER B 162 -1.77 29.71 -14.82
C SER B 162 -0.41 29.11 -14.66
N ALA B 163 0.62 29.88 -14.96
CA ALA B 163 1.99 29.39 -14.88
C ALA B 163 2.38 28.98 -13.48
N SER B 164 1.83 29.68 -12.49
CA SER B 164 2.14 29.35 -11.13
C SER B 164 1.54 28.04 -10.73
N GLU B 165 0.36 27.67 -11.25
CA GLU B 165 -0.28 26.40 -10.85
C GLU B 165 0.15 25.24 -11.75
N ARG B 166 0.54 25.52 -12.99
CA ARG B 166 0.71 24.49 -14.02
C ARG B 166 1.83 23.51 -13.69
N ASP B 167 1.56 22.23 -13.78
CA ASP B 167 2.63 21.24 -13.56
C ASP B 167 3.32 20.99 -14.89
N GLU B 168 4.42 21.68 -15.09
CA GLU B 168 5.16 21.62 -16.36
C GLU B 168 5.77 20.26 -16.67
N VAL B 169 6.11 19.49 -15.65
CA VAL B 169 6.65 18.16 -15.87
C VAL B 169 5.58 17.29 -16.40
N LEU B 170 4.39 17.40 -15.80
CA LEU B 170 3.29 16.59 -16.24
C LEU B 170 2.92 16.95 -17.68
N LEU B 171 2.93 18.24 -18.00
CA LEU B 171 2.53 18.67 -19.36
C LEU B 171 3.50 18.07 -20.36
N ASN B 172 4.80 18.16 -20.11
CA ASN B 172 5.76 17.57 -21.06
C ASN B 172 5.54 16.08 -21.20
N GLY B 173 5.26 15.44 -20.06
CA GLY B 173 4.98 14.02 -20.00
C GLY B 173 3.80 13.59 -20.81
N VAL B 174 2.72 14.35 -20.74
CA VAL B 174 1.58 14.04 -21.58
C VAL B 174 1.85 14.27 -23.06
N LYS B 175 2.54 15.33 -23.42
CA LYS B 175 2.86 15.55 -24.82
C LYS B 175 3.69 14.42 -25.36
N LYS B 176 4.53 13.89 -24.51
CA LYS B 176 5.36 12.79 -24.97
C LYS B 176 4.56 11.55 -25.18
N SER B 177 3.62 11.27 -24.28
CA SER B 177 2.74 10.14 -24.43
C SER B 177 1.91 10.26 -25.70
N LEU B 178 1.39 11.45 -25.95
CA LEU B 178 0.64 11.68 -27.21
C LEU B 178 1.47 11.47 -28.46
N GLU B 179 2.68 11.91 -28.43
CA GLU B 179 3.60 11.74 -29.52
C GLU B 179 3.86 10.31 -29.80
N ASP B 180 4.07 9.55 -28.75
CA ASP B 180 4.31 8.11 -28.93
C ASP B 180 3.12 7.34 -29.45
N VAL B 181 1.93 7.63 -28.96
CA VAL B 181 0.72 6.92 -29.40
C VAL B 181 0.40 7.28 -30.87
N LEU B 182 0.60 8.55 -31.23
CA LEU B 182 0.34 8.95 -32.62
C LEU B 182 1.28 8.21 -33.57
N LYS B 183 2.51 8.02 -33.16
CA LYS B 183 3.51 7.34 -33.97
C LYS B 183 3.32 5.83 -33.98
N ASN B 184 3.06 5.22 -32.83
CA ASN B 184 3.02 3.78 -32.74
C ASN B 184 1.68 3.12 -32.68
N ASN B 185 0.66 3.79 -32.14
CA ASN B 185 -0.61 3.12 -31.97
C ASN B 185 -1.77 4.10 -31.86
N PRO B 186 -2.09 4.79 -32.95
CA PRO B 186 -2.99 5.93 -32.82
C PRO B 186 -4.40 5.58 -32.46
N GLU B 187 -4.81 4.34 -32.64
CA GLU B 187 -6.16 4.01 -32.34
C GLU B 187 -6.39 3.47 -30.90
N GLU B 188 -5.33 3.42 -30.13
CA GLU B 188 -5.35 2.88 -28.78
C GLU B 188 -6.42 3.56 -27.95
N THR B 189 -7.18 2.80 -27.15
CA THR B 189 -8.20 3.36 -26.32
C THR B 189 -7.90 3.00 -24.86
N LEU B 190 -8.67 3.60 -23.97
CA LEU B 190 -8.51 3.44 -22.55
C LEU B 190 -8.67 1.93 -22.26
N ILE B 191 -9.70 1.32 -22.81
CA ILE B 191 -10.00 -0.08 -22.54
C ILE B 191 -8.92 -0.93 -23.17
N SER B 192 -8.64 -0.70 -24.45
CA SER B 192 -7.67 -1.50 -25.19
C SER B 192 -6.30 -1.44 -24.51
N SER B 193 -6.03 -0.33 -23.86
CA SER B 193 -4.78 -0.14 -23.22
C SER B 193 -4.59 -1.16 -22.09
N HIS B 194 -5.68 -1.66 -21.57
CA HIS B 194 -5.65 -2.56 -20.42
C HIS B 194 -5.67 -4.01 -20.82
N ASN B 195 -5.95 -4.30 -22.08
CA ASN B 195 -5.72 -5.65 -22.56
C ASN B 195 -4.21 -5.80 -22.53
N LYS B 196 -3.73 -6.97 -22.21
CA LYS B 196 -2.28 -7.20 -21.97
C LYS B 196 -1.84 -6.87 -20.57
N ASP B 197 -2.76 -6.45 -19.71
CA ASP B 197 -2.40 -6.32 -18.33
C ASP B 197 -2.41 -7.76 -17.87
N LYS B 198 -1.84 -7.93 -16.71
CA LYS B 198 -1.81 -9.22 -16.07
C LYS B 198 -2.08 -9.02 -14.59
N GLY B 199 -2.60 -10.07 -13.99
CA GLY B 199 -2.76 -10.05 -12.54
C GLY B 199 -3.94 -9.20 -12.17
N HIS B 200 -3.96 -8.74 -10.94
CA HIS B 200 -5.14 -8.11 -10.43
C HIS B 200 -5.52 -6.93 -11.29
N LEU B 201 -4.56 -6.20 -11.85
CA LEU B 201 -4.95 -5.04 -12.68
C LEU B 201 -5.82 -5.40 -13.83
N TRP B 202 -5.56 -6.51 -14.50
CA TRP B 202 -6.33 -6.95 -15.58
C TRP B 202 -7.75 -7.43 -15.14
N PHE B 203 -7.76 -8.10 -14.03
CA PHE B 203 -8.96 -8.72 -13.53
C PHE B 203 -9.95 -7.65 -13.09
N ASP B 204 -9.35 -6.78 -12.29
CA ASP B 204 -10.10 -5.82 -11.53
C ASP B 204 -10.73 -4.79 -12.46
N PHE B 205 -10.02 -4.40 -13.52
CA PHE B 205 -10.50 -3.40 -14.45
C PHE B 205 -11.70 -3.92 -15.21
N TYR B 206 -11.61 -5.15 -15.71
CA TYR B 206 -12.75 -5.74 -16.44
C TYR B 206 -13.91 -6.08 -15.50
N ARG B 207 -13.62 -6.49 -14.28
CA ARG B 207 -14.68 -6.72 -13.28
C ARG B 207 -15.57 -5.46 -13.19
N ASN B 208 -14.90 -4.29 -13.07
CA ASN B 208 -15.70 -3.08 -12.96
C ASN B 208 -16.53 -2.74 -14.14
N LEU B 209 -16.05 -3.02 -15.34
CA LEU B 209 -16.86 -2.84 -16.51
C LEU B 209 -18.05 -3.81 -16.59
N PHE B 210 -17.85 -5.04 -16.14
CA PHE B 210 -18.95 -6.00 -16.12
C PHE B 210 -20.03 -5.50 -15.24
N LEU B 211 -19.68 -4.97 -14.09
CA LEU B 211 -20.66 -4.48 -13.15
C LEU B 211 -21.44 -3.32 -13.69
N LEU B 212 -20.85 -2.51 -14.55
CA LEU B 212 -21.62 -1.48 -15.22
C LEU B 212 -22.73 -2.06 -16.08
N LYS B 213 -22.42 -3.13 -16.81
CA LYS B 213 -23.47 -3.80 -17.59
C LYS B 213 -24.51 -4.48 -16.76
N GLY B 214 -24.09 -5.11 -15.65
CA GLY B 214 -24.99 -5.83 -14.77
C GLY B 214 -25.56 -7.08 -15.40
N SER B 215 -26.75 -7.46 -15.00
CA SER B 215 -27.29 -8.71 -15.47
C SER B 215 -27.65 -8.73 -16.95
N ASP B 216 -27.84 -7.55 -17.55
CA ASP B 216 -28.04 -7.55 -19.02
C ASP B 216 -26.88 -8.22 -19.74
N ALA B 217 -25.67 -8.26 -19.14
CA ALA B 217 -24.58 -8.91 -19.83
C ALA B 217 -24.83 -10.38 -20.18
N PHE B 218 -25.63 -11.06 -19.37
CA PHE B 218 -25.97 -12.42 -19.65
C PHE B 218 -26.73 -12.52 -20.98
N LEU B 219 -27.63 -11.58 -21.20
CA LEU B 219 -28.33 -11.59 -22.49
C LEU B 219 -27.49 -11.09 -23.63
N GLU B 220 -26.63 -10.10 -23.39
CA GLU B 220 -25.68 -9.68 -24.41
C GLU B 220 -24.83 -10.79 -24.93
N ALA B 221 -24.42 -11.69 -24.04
CA ALA B 221 -23.59 -12.82 -24.40
C ALA B 221 -24.36 -14.01 -24.93
N GLY B 222 -25.66 -13.85 -25.07
CA GLY B 222 -26.54 -14.86 -25.58
C GLY B 222 -26.68 -16.10 -24.79
N LYS B 223 -26.64 -15.99 -23.48
CA LYS B 223 -26.81 -17.13 -22.66
C LYS B 223 -28.24 -17.56 -22.54
N PRO B 224 -28.47 -18.86 -22.60
CA PRO B 224 -29.85 -19.38 -22.46
C PRO B 224 -30.29 -19.47 -21.02
N GLY B 225 -31.60 -19.48 -20.81
CA GLY B 225 -32.16 -19.70 -19.51
C GLY B 225 -32.07 -18.48 -18.62
N CYS B 226 -31.99 -17.29 -19.22
CA CYS B 226 -31.75 -16.06 -18.49
C CYS B 226 -32.90 -15.08 -18.71
N HIS B 227 -34.03 -15.54 -19.27
CA HIS B 227 -35.09 -14.62 -19.62
C HIS B 227 -35.65 -13.92 -18.45
N HIS B 228 -35.66 -14.55 -17.30
CA HIS B 228 -36.32 -14.00 -16.14
C HIS B 228 -35.53 -12.91 -15.50
N LEU B 229 -34.25 -12.75 -15.87
CA LEU B 229 -33.44 -11.69 -15.25
C LEU B 229 -34.08 -10.33 -15.43
N GLN B 230 -34.04 -9.49 -14.41
CA GLN B 230 -34.66 -8.18 -14.50
C GLN B 230 -33.90 -7.25 -15.46
N PRO B 231 -34.58 -6.67 -16.46
CA PRO B 231 -33.91 -5.78 -17.38
C PRO B 231 -33.25 -4.61 -16.63
N GLY B 232 -31.99 -4.35 -16.96
CA GLY B 232 -31.21 -3.41 -16.21
C GLY B 232 -30.85 -3.78 -14.78
N GLY B 233 -30.96 -5.07 -14.43
CA GLY B 233 -30.62 -5.53 -13.12
C GLY B 233 -29.15 -5.54 -12.85
N GLY B 234 -28.84 -5.75 -11.56
CA GLY B 234 -27.49 -5.68 -11.04
C GLY B 234 -26.88 -7.07 -10.94
N CYS B 235 -25.89 -7.23 -10.10
CA CYS B 235 -25.29 -8.50 -9.85
C CYS B 235 -24.56 -8.46 -8.53
N ILE B 236 -24.30 -9.62 -7.98
CA ILE B 236 -23.47 -9.74 -6.83
C ILE B 236 -22.19 -10.44 -7.23
N TYR B 237 -21.09 -9.71 -7.27
CA TYR B 237 -19.76 -10.21 -7.64
C TYR B 237 -19.11 -10.77 -6.39
N LEU B 238 -18.58 -12.01 -6.47
CA LEU B 238 -17.80 -12.60 -5.34
C LEU B 238 -16.48 -13.14 -5.89
N ASP B 239 -15.38 -12.90 -5.15
CA ASP B 239 -14.15 -13.65 -5.34
C ASP B 239 -14.48 -15.15 -5.13
N ALA B 240 -13.78 -16.05 -5.81
CA ALA B 240 -14.16 -17.46 -5.70
C ALA B 240 -13.74 -18.11 -4.44
N ASP B 241 -13.10 -17.41 -3.49
CA ASP B 241 -12.82 -17.95 -2.20
C ASP B 241 -13.77 -17.42 -1.18
N MET B 242 -14.87 -16.81 -1.62
CA MET B 242 -15.93 -16.37 -0.70
C MET B 242 -16.96 -17.51 -0.67
N LEU B 243 -17.02 -18.26 0.43
CA LEU B 243 -17.81 -19.55 0.45
C LEU B 243 -19.17 -19.37 1.07
N LEU B 244 -20.22 -19.72 0.34
CA LEU B 244 -21.54 -19.65 0.92
C LEU B 244 -21.79 -20.78 1.87
N THR B 245 -22.40 -20.51 3.00
CA THR B 245 -22.82 -21.61 3.90
C THR B 245 -24.30 -21.89 3.83
N ASP B 246 -25.06 -21.02 3.19
CA ASP B 246 -26.52 -21.20 3.00
C ASP B 246 -26.90 -20.12 1.97
N LYS B 247 -28.14 -20.00 1.67
CA LYS B 247 -28.63 -19.06 0.67
C LYS B 247 -28.37 -17.65 1.12
N LEU B 248 -28.11 -16.81 0.14
CA LEU B 248 -27.92 -15.38 0.42
C LEU B 248 -29.16 -14.64 0.80
N GLY B 249 -30.29 -15.03 0.25
CA GLY B 249 -31.54 -14.30 0.40
C GLY B 249 -31.56 -12.97 -0.31
N THR B 250 -32.49 -12.14 0.12
CA THR B 250 -32.65 -10.84 -0.47
C THR B 250 -31.79 -9.89 0.40
N LEU B 251 -31.01 -9.03 -0.26
CA LEU B 251 -30.14 -8.14 0.46
C LEU B 251 -30.75 -6.77 0.38
N TYR B 252 -30.54 -5.94 1.41
CA TYR B 252 -31.04 -4.58 1.38
C TYR B 252 -29.84 -3.65 1.58
N LEU B 253 -29.53 -2.91 0.54
CA LEU B 253 -28.28 -2.14 0.43
C LEU B 253 -28.55 -0.66 0.24
N PRO B 254 -27.68 0.19 0.80
CA PRO B 254 -27.89 1.63 0.61
C PRO B 254 -27.72 2.04 -0.81
N ASP B 255 -28.72 2.72 -1.39
CA ASP B 255 -28.72 3.07 -2.74
C ASP B 255 -28.40 1.82 -3.61
N GLY B 256 -28.67 0.63 -3.09
CA GLY B 256 -28.49 -0.57 -3.85
C GLY B 256 -27.08 -0.99 -4.11
N ILE B 257 -26.14 -0.55 -3.29
CA ILE B 257 -24.71 -0.88 -3.49
C ILE B 257 -24.05 -1.19 -2.20
N ALA B 258 -23.18 -2.22 -2.17
CA ALA B 258 -22.32 -2.51 -1.05
C ALA B 258 -21.02 -3.18 -1.51
N ILE B 259 -19.99 -3.11 -0.70
CA ILE B 259 -18.65 -3.58 -1.05
C ILE B 259 -17.99 -4.22 0.15
N HIS B 260 -17.17 -5.22 -0.11
CA HIS B 260 -16.37 -5.85 0.96
C HIS B 260 -15.48 -4.81 1.62
N VAL B 261 -15.43 -4.90 2.93
CA VAL B 261 -14.48 -4.09 3.74
C VAL B 261 -13.66 -5.08 4.51
N SER B 262 -12.35 -5.01 4.42
CA SER B 262 -11.52 -5.86 5.28
C SER B 262 -11.05 -5.09 6.50
N ARG B 263 -10.91 -5.80 7.63
CA ARG B 263 -10.31 -5.20 8.83
C ARG B 263 -9.00 -5.93 9.20
N LYS B 264 -7.82 -5.28 9.17
CA LYS B 264 -6.58 -6.09 9.19
C LYS B 264 -5.43 -5.82 10.15
N ASP B 265 -5.50 -6.27 11.39
CA ASP B 265 -6.62 -6.26 12.31
C ASP B 265 -6.89 -4.76 12.54
N ASN B 266 -5.84 -3.98 12.25
CA ASN B 266 -5.74 -2.67 12.78
C ASN B 266 -5.94 -1.59 11.78
N HIS B 267 -6.35 -1.93 10.55
CA HIS B 267 -6.91 -0.88 9.68
C HIS B 267 -8.14 -1.39 8.90
N VAL B 268 -8.79 -0.45 8.23
CA VAL B 268 -10.05 -0.73 7.56
C VAL B 268 -9.94 -0.28 6.13
N SER B 269 -10.26 -1.17 5.15
CA SER B 269 -10.14 -0.79 3.76
C SER B 269 -11.36 -1.27 2.92
N LEU B 270 -11.73 -0.54 1.92
CA LEU B 270 -12.59 -1.07 0.87
C LEU B 270 -11.79 -2.07 0.05
N GLU B 271 -12.48 -3.15 -0.32
CA GLU B 271 -11.85 -4.25 -1.05
C GLU B 271 -12.80 -4.67 -2.16
N ASN B 272 -12.28 -5.18 -3.24
CA ASN B 272 -13.15 -5.52 -4.34
C ASN B 272 -13.58 -7.00 -4.40
N GLY B 273 -13.33 -7.77 -3.33
CA GLY B 273 -13.68 -9.13 -3.35
C GLY B 273 -15.13 -9.49 -3.19
N ILE B 274 -15.97 -8.54 -2.77
CA ILE B 274 -17.39 -8.63 -2.92
C ILE B 274 -17.84 -7.26 -3.42
N ILE B 275 -18.64 -7.23 -4.50
CA ILE B 275 -19.28 -5.96 -4.93
C ILE B 275 -20.71 -6.33 -5.32
N ALA B 276 -21.70 -5.67 -4.74
CA ALA B 276 -23.07 -5.96 -5.07
C ALA B 276 -23.72 -4.67 -5.54
N VAL B 277 -24.44 -4.72 -6.65
CA VAL B 277 -25.20 -3.59 -7.15
C VAL B 277 -26.55 -4.04 -7.56
N ASN B 278 -27.55 -3.18 -7.41
CA ASN B 278 -28.94 -3.54 -7.70
C ASN B 278 -29.36 -3.20 -9.12
N ARG B 279 -28.50 -2.58 -9.90
CA ARG B 279 -28.84 -2.08 -11.22
C ARG B 279 -27.65 -1.87 -12.03
N SER B 280 -27.86 -1.86 -13.35
CA SER B 280 -26.83 -1.56 -14.27
C SER B 280 -26.42 -0.10 -14.10
N GLU B 281 -25.26 0.21 -14.60
CA GLU B 281 -24.69 1.55 -14.59
C GLU B 281 -24.88 2.34 -13.29
N HIS B 282 -24.58 1.70 -12.22
CA HIS B 282 -24.75 2.34 -10.97
C HIS B 282 -23.97 3.70 -10.99
N PRO B 283 -24.59 4.77 -10.54
CA PRO B 283 -23.95 6.06 -10.68
C PRO B 283 -22.71 6.16 -9.89
N ALA B 284 -22.58 5.43 -8.81
CA ALA B 284 -21.32 5.38 -8.08
C ALA B 284 -20.18 4.77 -8.89
N LEU B 285 -20.49 3.76 -9.70
CA LEU B 285 -19.51 3.21 -10.61
C LEU B 285 -19.30 4.13 -11.82
N ILE B 286 -20.33 4.77 -12.32
CA ILE B 286 -20.12 5.73 -13.42
C ILE B 286 -19.19 6.84 -12.95
N LYS B 287 -19.34 7.27 -11.72
CA LYS B 287 -18.46 8.33 -11.23
C LYS B 287 -16.98 7.92 -11.32
N GLY B 288 -16.70 6.66 -10.98
CA GLY B 288 -15.39 6.16 -11.08
C GLY B 288 -14.90 6.11 -12.53
N LEU B 289 -15.76 5.68 -13.44
CA LEU B 289 -15.39 5.59 -14.81
C LEU B 289 -15.05 7.00 -15.35
N GLU B 290 -15.80 7.99 -14.91
CA GLU B 290 -15.52 9.34 -15.36
C GLU B 290 -14.14 9.78 -14.92
N ILE B 291 -13.72 9.37 -13.72
CA ILE B 291 -12.36 9.68 -13.27
C ILE B 291 -11.36 9.05 -14.16
N MET B 292 -11.53 7.79 -14.51
CA MET B 292 -10.60 7.11 -15.39
C MET B 292 -10.58 7.80 -16.74
N HIS B 293 -11.71 8.34 -17.19
CA HIS B 293 -11.75 9.02 -18.47
C HIS B 293 -10.95 10.32 -18.48
N SER B 294 -10.67 10.89 -17.33
CA SER B 294 -10.01 12.21 -17.35
C SER B 294 -8.58 12.18 -16.93
N LYS B 295 -8.05 11.01 -16.60
CA LYS B 295 -6.65 10.90 -16.25
C LYS B 295 -5.88 10.25 -17.36
N PRO B 296 -4.67 10.72 -17.57
CA PRO B 296 -3.79 9.98 -18.45
C PRO B 296 -3.60 8.53 -18.00
N TYR B 297 -3.77 8.28 -16.69
CA TYR B 297 -3.63 6.94 -16.12
C TYR B 297 -4.71 6.72 -15.04
N GLY B 298 -5.14 5.48 -14.78
CA GLY B 298 -6.14 5.20 -13.72
C GLY B 298 -5.97 3.86 -13.03
N ASP B 299 -6.05 3.79 -11.71
CA ASP B 299 -6.04 2.52 -11.06
C ASP B 299 -7.52 2.13 -10.85
N PRO B 300 -7.88 0.91 -11.27
CA PRO B 300 -9.25 0.43 -11.06
C PRO B 300 -9.67 0.31 -9.59
N TYR B 301 -8.73 0.21 -8.66
CA TYR B 301 -9.10 0.32 -7.28
C TYR B 301 -8.93 1.75 -6.77
N ASN B 302 -7.69 2.20 -6.74
CA ASN B 302 -7.35 3.46 -6.11
C ASN B 302 -8.11 4.62 -6.79
N ASP B 303 -8.32 4.56 -8.11
CA ASP B 303 -9.09 5.64 -8.79
C ASP B 303 -10.57 5.31 -9.09
N TRP B 304 -10.83 4.18 -9.70
CA TRP B 304 -12.19 3.93 -10.13
C TRP B 304 -13.04 3.59 -8.97
N LEU B 305 -12.88 2.40 -8.42
CA LEU B 305 -13.84 1.92 -7.49
C LEU B 305 -13.88 2.77 -6.26
N SER B 306 -12.74 2.89 -5.61
CA SER B 306 -12.67 3.59 -4.38
C SER B 306 -12.99 5.07 -4.48
N LYS B 307 -12.29 5.80 -5.34
CA LYS B 307 -12.53 7.20 -5.47
C LYS B 307 -13.89 7.47 -6.02
N GLY B 308 -14.37 6.63 -6.93
CA GLY B 308 -15.67 6.82 -7.48
C GLY B 308 -16.72 6.69 -6.42
N LEU B 309 -16.63 5.62 -5.63
CA LEU B 309 -17.63 5.41 -4.63
C LEU B 309 -17.58 6.53 -3.60
N ARG B 310 -16.39 6.89 -3.15
CA ARG B 310 -16.32 7.93 -2.12
C ARG B 310 -16.76 9.28 -2.64
N HIS B 311 -16.38 9.66 -3.84
CA HIS B 311 -16.91 10.91 -4.36
C HIS B 311 -18.38 10.91 -4.61
N TYR B 312 -18.98 9.81 -5.01
CA TYR B 312 -20.40 9.82 -5.14
C TYR B 312 -21.12 10.02 -3.83
N PHE B 313 -20.69 9.32 -2.79
CA PHE B 313 -21.36 9.38 -1.55
C PHE B 313 -20.95 10.54 -0.66
N ASP B 314 -19.74 11.09 -0.85
CA ASP B 314 -19.29 12.17 0.04
C ASP B 314 -18.31 13.01 -0.72
N GLY B 315 -18.84 13.69 -1.71
CA GLY B 315 -18.00 14.54 -2.59
C GLY B 315 -17.30 15.65 -1.83
N SER B 316 -17.98 16.18 -0.81
CA SER B 316 -17.39 17.23 0.04
C SER B 316 -16.37 16.71 1.05
N HIS B 317 -16.25 15.40 1.24
CA HIS B 317 -15.45 14.81 2.33
C HIS B 317 -15.79 15.35 3.70
N ILE B 318 -17.07 15.46 3.99
CA ILE B 318 -17.45 15.83 5.35
C ILE B 318 -17.50 14.70 6.29
N GLN B 319 -17.25 13.49 5.84
CA GLN B 319 -17.09 12.33 6.74
C GLN B 319 -15.72 11.65 6.49
N ASP B 320 -15.20 10.94 7.46
CA ASP B 320 -13.94 10.33 7.34
C ASP B 320 -14.02 8.91 6.70
N TYR B 321 -12.88 8.30 6.43
CA TYR B 321 -12.88 7.08 5.60
C TYR B 321 -13.43 5.89 6.35
N ASP B 322 -13.15 5.78 7.64
CA ASP B 322 -13.68 4.69 8.42
C ASP B 322 -15.18 4.74 8.43
N ALA B 323 -15.75 5.93 8.49
CA ALA B 323 -17.17 6.11 8.46
C ALA B 323 -17.76 5.66 7.12
N PHE B 324 -17.10 5.98 6.03
CA PHE B 324 -17.63 5.55 4.73
C PHE B 324 -17.57 4.00 4.71
N CYS B 325 -16.51 3.39 5.17
CA CYS B 325 -16.44 1.94 5.15
C CYS B 325 -17.57 1.27 5.95
N ASP B 326 -17.93 1.84 7.10
CA ASP B 326 -18.95 1.26 7.91
C ASP B 326 -20.26 1.34 7.19
N PHE B 327 -20.45 2.42 6.47
CA PHE B 327 -21.66 2.69 5.74
C PHE B 327 -21.86 1.71 4.56
N ILE B 328 -20.82 1.53 3.77
CA ILE B 328 -20.94 0.78 2.51
C ILE B 328 -20.65 -0.71 2.68
N GLU B 329 -20.23 -1.17 3.84
CA GLU B 329 -19.73 -2.52 4.04
C GLU B 329 -20.79 -3.59 3.74
N PHE B 330 -20.42 -4.57 2.95
CA PHE B 330 -21.28 -5.77 2.70
C PHE B 330 -21.00 -6.74 3.81
N LYS B 331 -21.99 -7.06 4.60
CA LYS B 331 -21.86 -8.08 5.62
C LYS B 331 -22.87 -9.16 5.36
N HIS B 332 -22.46 -10.38 5.56
CA HIS B 332 -23.39 -11.50 5.39
C HIS B 332 -22.96 -12.61 6.30
N GLU B 333 -23.87 -13.07 7.16
CA GLU B 333 -23.50 -14.13 8.07
C GLU B 333 -23.27 -15.51 7.45
N ASN B 334 -23.66 -15.69 6.22
CA ASN B 334 -23.56 -16.97 5.55
C ASN B 334 -22.46 -17.03 4.51
N ILE B 335 -21.43 -16.16 4.69
CA ILE B 335 -20.26 -16.22 3.82
C ILE B 335 -19.01 -16.32 4.62
N ILE B 336 -18.22 -17.34 4.31
CA ILE B 336 -16.87 -17.49 4.85
C ILE B 336 -15.99 -16.69 3.89
N MET B 337 -15.44 -15.57 4.40
CA MET B 337 -14.80 -14.61 3.46
C MET B 337 -13.30 -14.86 3.32
N ASN B 338 -12.78 -14.67 2.11
CA ASN B 338 -11.30 -14.64 1.90
C ASN B 338 -10.59 -15.88 2.29
N THR B 339 -11.13 -17.04 1.92
CA THR B 339 -10.57 -18.24 2.34
C THR B 339 -9.25 -18.56 1.65
N SER B 340 -8.78 -17.73 0.73
CA SER B 340 -7.43 -17.94 0.19
C SER B 340 -6.43 -17.50 1.23
N SER B 341 -6.86 -16.74 2.23
CA SER B 341 -5.92 -16.06 3.11
C SER B 341 -5.74 -16.78 4.44
#